data_4QNW
#
_entry.id   4QNW
#
_cell.length_a   62.456
_cell.length_b   65.913
_cell.length_c   115.219
_cell.angle_alpha   90.00
_cell.angle_beta   90.00
_cell.angle_gamma   90.00
#
_symmetry.space_group_name_H-M   'P 21 21 21'
#
loop_
_entity.id
_entity.type
_entity.pdbx_description
1 polymer 'Chanoclavine-I aldehyde reductase'
2 non-polymer 'FLAVIN MONONUCLEOTIDE'
3 non-polymer 'SULFATE ION'
4 non-polymer GLYCEROL
5 water water
#
_entity_poly.entity_id   1
_entity_poly.type   'polypeptide(L)'
_entity_poly.pdbx_seq_one_letter_code
;MREEPSSAQLFKPLKVGRCHLQHRMIMAPTTRFRADGQGVPLPFVQEYYGQRASVPGTLLITEATDITPKAMGYKHVPGI
WSEPQREAWREIVSRVHSKKCFIFCQLWATGRAADPDVLADMKDLISSSAVPVEEKGPLPRALTEDEIQQCIADFAQAAR
NAINAGFDGVEIHGANGYLIDQFTQKSCNHRQDRWGGSIENRARFAVEVTRAVIEAVGADRVGVKLSPYSQYLGMGTMDE
LVPQFEYLIAQMRRLDVAYLHLANSRWLDEEKPHPDPNHEVFVRVWGQSSPILLAGGYDAASAEKVTEQMAAATYTNVAI
AFGRYFISTPDLPFRVMAGIQLQKYDRASFYSTLSREGYLDYPFSAEYMALHNFPVASGKLAAALEHHHHHH
;
_entity_poly.pdbx_strand_id   A
#
# COMPACT_ATOMS: atom_id res chain seq x y z
N ALA A 8 -12.14 -17.31 16.06
CA ALA A 8 -10.79 -16.97 15.53
C ALA A 8 -10.49 -15.51 15.65
N GLN A 9 -9.26 -15.22 16.11
CA GLN A 9 -8.76 -13.84 16.22
C GLN A 9 -8.94 -13.08 14.91
N LEU A 10 -8.65 -13.75 13.79
CA LEU A 10 -8.75 -13.11 12.45
C LEU A 10 -10.16 -12.60 12.16
N PHE A 11 -11.14 -13.23 12.80
CA PHE A 11 -12.52 -12.85 12.47
C PHE A 11 -13.10 -11.78 13.42
N LYS A 12 -12.33 -11.36 14.40
CA LYS A 12 -12.78 -10.40 15.40
C LYS A 12 -12.88 -8.96 14.86
N PRO A 13 -13.91 -8.21 15.26
CA PRO A 13 -13.92 -6.81 14.82
C PRO A 13 -12.69 -6.10 15.33
N LEU A 14 -12.24 -5.06 14.59
CA LEU A 14 -11.06 -4.30 14.98
C LEU A 14 -11.20 -2.86 14.59
N LYS A 15 -10.95 -1.92 15.51
CA LYS A 15 -11.07 -0.51 15.08
C LYS A 15 -9.72 -0.09 14.44
N VAL A 16 -9.72 0.33 13.20
CA VAL A 16 -8.50 0.83 12.57
C VAL A 16 -8.79 2.28 12.12
N GLY A 17 -8.06 3.23 12.69
CA GLY A 17 -8.29 4.66 12.43
C GLY A 17 -9.71 4.98 12.93
N ARG A 18 -10.52 5.54 12.03
CA ARG A 18 -11.94 5.84 12.38
C ARG A 18 -12.88 4.68 12.05
N CYS A 19 -12.36 3.63 11.42
CA CYS A 19 -13.23 2.53 10.86
C CYS A 19 -13.40 1.34 11.77
N HIS A 20 -14.65 0.99 12.06
CA HIS A 20 -14.96 -0.20 12.83
C HIS A 20 -14.99 -1.42 11.91
N LEU A 21 -13.82 -2.02 11.68
CA LEU A 21 -13.83 -3.16 10.74
C LEU A 21 -14.54 -4.32 11.41
N GLN A 22 -15.17 -5.21 10.65
CA GLN A 22 -15.89 -6.38 11.25
C GLN A 22 -15.07 -7.66 11.26
N HIS A 23 -13.88 -7.62 10.63
CA HIS A 23 -12.98 -8.80 10.57
C HIS A 23 -11.66 -8.21 10.09
N ARG A 24 -10.60 -9.03 10.12
CA ARG A 24 -9.28 -8.48 10.00
C ARG A 24 -8.60 -8.95 8.71
N MET A 25 -9.40 -9.22 7.67
CA MET A 25 -8.84 -9.60 6.35
C MET A 25 -8.96 -8.36 5.49
N ILE A 26 -7.85 -7.87 4.91
CA ILE A 26 -7.78 -6.59 4.22
C ILE A 26 -7.40 -6.82 2.78
N MET A 27 -8.01 -6.05 1.91
CA MET A 27 -7.55 -5.97 0.51
C MET A 27 -6.29 -5.15 0.39
N ALA A 28 -5.17 -5.81 0.07
CA ALA A 28 -3.88 -5.09 -0.09
C ALA A 28 -3.91 -4.20 -1.32
N PRO A 29 -3.10 -3.11 -1.33
CA PRO A 29 -3.02 -2.28 -2.53
C PRO A 29 -2.46 -3.04 -3.73
N THR A 30 -3.18 -3.05 -4.86
CA THR A 30 -2.67 -3.73 -6.02
C THR A 30 -2.91 -2.95 -7.27
N THR A 31 -1.82 -2.52 -7.87
CA THR A 31 -1.81 -1.92 -9.20
C THR A 31 -2.38 -2.88 -10.25
N ARG A 32 -3.36 -2.42 -11.03
CA ARG A 32 -3.85 -3.27 -12.10
C ARG A 32 -3.95 -2.55 -13.40
N PHE A 33 -3.57 -1.25 -13.46
CA PHE A 33 -3.56 -0.51 -14.76
C PHE A 33 -4.95 -0.51 -15.43
N ARG A 34 -5.99 -0.21 -14.63
CA ARG A 34 -7.28 0.03 -15.23
C ARG A 34 -7.63 1.51 -15.02
N ALA A 35 -6.68 2.40 -15.35
CA ALA A 35 -6.96 3.84 -15.41
C ALA A 35 -6.66 4.27 -16.85
N ASP A 36 -7.27 5.39 -17.25
CA ASP A 36 -7.16 5.88 -18.64
C ASP A 36 -5.88 6.70 -18.79
N GLY A 37 -5.65 7.26 -19.98
CA GLY A 37 -4.40 7.97 -20.29
C GLY A 37 -4.27 9.31 -19.53
N GLN A 38 -5.36 9.73 -18.88
CA GLN A 38 -5.45 10.95 -18.04
C GLN A 38 -5.32 10.58 -16.51
N GLY A 39 -5.06 9.31 -16.25
CA GLY A 39 -4.98 8.89 -14.86
C GLY A 39 -6.32 8.80 -14.13
N VAL A 40 -7.42 8.70 -14.88
CA VAL A 40 -8.73 8.61 -14.27
C VAL A 40 -9.08 7.14 -14.27
N PRO A 41 -9.51 6.58 -13.10
CA PRO A 41 -9.89 5.15 -13.06
C PRO A 41 -10.91 4.85 -14.16
N LEU A 42 -10.85 3.70 -14.80
CA LEU A 42 -11.84 3.38 -15.83
C LEU A 42 -13.24 3.25 -15.19
N PRO A 43 -14.36 3.46 -15.98
CA PRO A 43 -15.67 3.49 -15.32
C PRO A 43 -16.10 2.21 -14.62
N PHE A 44 -15.43 1.11 -14.89
CA PHE A 44 -15.78 -0.12 -14.23
C PHE A 44 -14.90 -0.43 -13.01
N VAL A 45 -13.95 0.48 -12.70
CA VAL A 45 -13.12 0.26 -11.49
C VAL A 45 -14.05 0.25 -10.26
N GLN A 46 -15.11 1.06 -10.28
CA GLN A 46 -16.06 1.01 -9.19
C GLN A 46 -16.73 -0.39 -8.97
N GLU A 47 -16.93 -1.16 -10.04
CA GLU A 47 -17.52 -2.53 -9.84
C GLU A 47 -16.47 -3.50 -9.29
N TYR A 48 -15.20 -3.27 -9.64
CA TYR A 48 -14.09 -4.08 -9.08
C TYR A 48 -13.96 -3.94 -7.55
N TYR A 49 -13.90 -2.70 -7.06
CA TYR A 49 -13.85 -2.48 -5.63
C TYR A 49 -15.20 -2.88 -5.01
N GLY A 50 -16.28 -2.64 -5.75
CA GLY A 50 -17.61 -3.01 -5.17
C GLY A 50 -17.75 -4.51 -4.94
N GLN A 51 -17.27 -5.31 -5.88
CA GLN A 51 -17.24 -6.76 -5.78
C GLN A 51 -16.53 -7.16 -4.47
N ARG A 52 -15.44 -6.44 -4.16
CA ARG A 52 -14.53 -6.88 -3.10
C ARG A 52 -14.95 -6.26 -1.76
N ALA A 53 -15.93 -5.36 -1.84
CA ALA A 53 -16.71 -4.90 -0.67
C ALA A 53 -17.87 -5.88 -0.38
N SER A 54 -17.51 -7.18 -0.30
CA SER A 54 -18.41 -8.33 -0.31
C SER A 54 -19.14 -8.55 1.01
N VAL A 55 -18.47 -8.17 2.07
CA VAL A 55 -18.90 -8.44 3.39
C VAL A 55 -18.79 -7.09 4.09
N PRO A 56 -19.83 -6.68 4.80
CA PRO A 56 -19.77 -5.38 5.52
C PRO A 56 -18.61 -5.33 6.56
N GLY A 57 -18.01 -4.15 6.68
CA GLY A 57 -16.96 -3.96 7.64
C GLY A 57 -15.59 -4.44 7.12
N THR A 58 -15.43 -4.64 5.81
CA THR A 58 -14.11 -4.92 5.20
C THR A 58 -13.35 -3.61 4.90
N LEU A 59 -12.05 -3.58 5.20
CA LEU A 59 -11.19 -2.47 4.74
C LEU A 59 -10.50 -2.84 3.40
N LEU A 60 -10.58 -1.93 2.42
CA LEU A 60 -9.89 -2.14 1.15
C LEU A 60 -8.87 -1.01 1.03
N ILE A 61 -7.72 -1.30 0.46
CA ILE A 61 -6.73 -0.24 0.24
C ILE A 61 -6.54 -0.20 -1.26
N THR A 62 -6.59 0.98 -1.84
CA THR A 62 -6.52 1.09 -3.31
C THR A 62 -5.14 0.81 -3.85
N GLU A 63 -5.08 0.50 -5.14
CA GLU A 63 -3.85 0.53 -5.90
C GLU A 63 -3.12 1.88 -5.66
N ALA A 64 -1.80 1.87 -5.82
CA ALA A 64 -1.00 3.05 -5.68
C ALA A 64 -1.55 4.19 -6.62
N THR A 65 -1.65 5.39 -6.08
CA THR A 65 -2.24 6.53 -6.75
C THR A 65 -1.28 7.74 -6.77
N ASP A 66 -1.10 8.30 -7.96
CA ASP A 66 -0.16 9.39 -8.15
C ASP A 66 -0.64 10.69 -7.58
N ILE A 67 0.35 11.53 -7.22
CA ILE A 67 0.08 12.73 -6.42
C ILE A 67 0.15 14.00 -7.26
N THR A 68 0.87 13.96 -8.36
CA THR A 68 1.02 15.12 -9.23
C THR A 68 1.31 14.63 -10.61
N PRO A 69 1.04 15.45 -11.64
CA PRO A 69 1.28 15.01 -13.01
C PRO A 69 2.78 14.82 -13.30
N LYS A 70 3.63 15.63 -12.69
CA LYS A 70 5.11 15.55 -12.89
C LYS A 70 5.68 14.29 -12.24
N ALA A 71 5.14 13.89 -11.08
CA ALA A 71 5.57 12.65 -10.36
C ALA A 71 5.03 11.33 -10.95
N MET A 72 4.05 11.38 -11.86
CA MET A 72 3.50 10.15 -12.45
C MET A 72 4.60 9.43 -13.24
N GLY A 73 4.66 8.11 -13.09
CA GLY A 73 5.78 7.35 -13.65
C GLY A 73 5.31 6.34 -14.70
N TYR A 74 4.03 5.94 -14.62
CA TYR A 74 3.45 4.98 -15.61
C TYR A 74 2.22 5.50 -16.28
N LYS A 75 1.91 5.01 -17.47
CA LYS A 75 0.57 5.33 -17.99
C LYS A 75 -0.43 4.25 -17.45
N HIS A 76 -1.69 4.61 -17.46
CA HIS A 76 -2.77 3.69 -17.08
C HIS A 76 -2.79 3.38 -15.58
N VAL A 77 -2.12 4.19 -14.78
CA VAL A 77 -2.30 4.12 -13.33
C VAL A 77 -3.01 5.41 -12.88
N PRO A 78 -3.78 5.33 -11.77
CA PRO A 78 -4.62 6.50 -11.49
C PRO A 78 -3.88 7.59 -10.69
N GLY A 79 -4.37 8.81 -10.75
CA GLY A 79 -3.90 9.89 -9.87
C GLY A 79 -5.04 10.44 -9.09
N ILE A 80 -4.73 11.36 -8.18
CA ILE A 80 -5.79 12.03 -7.43
C ILE A 80 -5.48 13.55 -7.26
N TRP A 81 -4.83 14.12 -8.29
CA TRP A 81 -4.54 15.58 -8.27
C TRP A 81 -5.59 16.35 -9.04
N SER A 82 -6.24 15.73 -10.03
CA SER A 82 -7.10 16.49 -10.96
C SER A 82 -8.58 16.41 -10.54
N GLU A 83 -9.40 17.40 -10.89
CA GLU A 83 -10.87 17.19 -10.73
C GLU A 83 -11.48 16.00 -11.38
N PRO A 84 -11.14 15.69 -12.64
CA PRO A 84 -11.72 14.44 -13.20
C PRO A 84 -11.31 13.16 -12.42
N GLN A 85 -10.06 13.09 -11.98
CA GLN A 85 -9.67 11.94 -11.14
C GLN A 85 -10.47 11.86 -9.83
N ARG A 86 -10.61 13.00 -9.17
CA ARG A 86 -11.20 13.09 -7.86
C ARG A 86 -12.69 12.72 -7.92
N GLU A 87 -13.36 13.14 -8.99
CA GLU A 87 -14.78 12.74 -9.18
C GLU A 87 -14.92 11.23 -9.44
N ALA A 88 -14.05 10.63 -10.26
CA ALA A 88 -14.04 9.18 -10.50
C ALA A 88 -13.84 8.42 -9.17
N TRP A 89 -12.89 8.89 -8.34
CA TRP A 89 -12.65 8.24 -7.06
C TRP A 89 -13.84 8.44 -6.13
N ARG A 90 -14.48 9.62 -6.13
CA ARG A 90 -15.65 9.81 -5.27
C ARG A 90 -16.69 8.72 -5.56
N GLU A 91 -16.86 8.39 -6.82
CA GLU A 91 -17.86 7.39 -7.24
C GLU A 91 -17.50 5.95 -6.80
N ILE A 92 -16.23 5.60 -7.01
CA ILE A 92 -15.65 4.35 -6.41
C ILE A 92 -15.90 4.25 -4.90
N VAL A 93 -15.58 5.33 -4.20
CA VAL A 93 -15.64 5.33 -2.73
C VAL A 93 -17.12 5.23 -2.32
N SER A 94 -17.97 5.96 -3.05
CA SER A 94 -19.42 5.81 -2.80
C SER A 94 -19.95 4.39 -2.88
N ARG A 95 -19.49 3.63 -3.88
CA ARG A 95 -19.91 2.26 -4.08
C ARG A 95 -19.44 1.40 -2.91
N VAL A 96 -18.17 1.58 -2.48
CA VAL A 96 -17.69 0.87 -1.30
C VAL A 96 -18.51 1.19 -0.06
N HIS A 97 -18.83 2.47 0.15
CA HIS A 97 -19.50 2.84 1.37
C HIS A 97 -20.96 2.36 1.34
N SER A 98 -21.52 2.35 0.16
CA SER A 98 -22.86 1.81 0.01
C SER A 98 -22.95 0.37 0.48
N LYS A 99 -21.82 -0.37 0.43
CA LYS A 99 -21.79 -1.74 0.91
C LYS A 99 -21.21 -1.91 2.29
N LYS A 100 -21.16 -0.81 3.02
CA LYS A 100 -20.83 -0.73 4.42
C LYS A 100 -19.39 -1.14 4.69
N CYS A 101 -18.56 -0.90 3.68
CA CYS A 101 -17.08 -1.20 3.78
C CYS A 101 -16.29 0.09 3.83
N PHE A 102 -14.99 -0.05 4.03
CA PHE A 102 -14.10 1.14 4.28
C PHE A 102 -13.01 1.14 3.21
N ILE A 103 -12.48 2.32 2.89
CA ILE A 103 -11.43 2.32 1.85
C ILE A 103 -10.37 3.40 2.09
N PHE A 104 -9.07 3.02 2.05
CA PHE A 104 -7.99 4.03 2.14
C PHE A 104 -7.39 4.13 0.79
N CYS A 105 -6.95 5.34 0.43
CA CYS A 105 -6.31 5.55 -0.85
C CYS A 105 -4.80 5.50 -0.63
N GLN A 106 -4.14 4.58 -1.33
CA GLN A 106 -2.67 4.56 -1.21
C GLN A 106 -2.02 5.62 -2.15
N LEU A 107 -1.16 6.45 -1.55
CA LEU A 107 -0.52 7.57 -2.23
C LEU A 107 0.97 7.25 -2.46
N TRP A 108 1.49 7.48 -3.65
CA TRP A 108 2.90 7.18 -3.92
C TRP A 108 3.52 8.16 -4.90
N ALA A 109 4.82 8.03 -5.02
CA ALA A 109 5.61 8.52 -6.19
C ALA A 109 6.66 7.48 -6.46
N THR A 110 6.91 7.25 -7.75
CA THR A 110 7.75 6.12 -8.17
C THR A 110 9.25 6.48 -8.15
N GLY A 111 9.59 7.80 -8.21
CA GLY A 111 11.03 8.16 -8.20
C GLY A 111 11.84 7.43 -9.31
N ARG A 112 12.95 6.84 -8.93
CA ARG A 112 13.81 6.19 -9.93
C ARG A 112 13.22 4.99 -10.67
N ALA A 113 12.07 4.51 -10.21
CA ALA A 113 11.45 3.36 -10.82
C ALA A 113 10.41 3.78 -11.88
N ALA A 114 10.29 5.08 -12.16
CA ALA A 114 9.35 5.53 -13.16
C ALA A 114 9.84 5.02 -14.54
N ASP A 115 8.92 4.98 -15.50
CA ASP A 115 9.23 4.60 -16.85
C ASP A 115 9.72 5.88 -17.51
N PRO A 116 11.00 5.92 -17.91
CA PRO A 116 11.48 7.23 -18.44
C PRO A 116 10.77 7.65 -19.75
N ASP A 117 10.23 6.68 -20.50
CA ASP A 117 9.54 7.01 -21.74
C ASP A 117 8.24 7.81 -21.51
N VAL A 118 7.73 7.76 -20.28
CA VAL A 118 6.43 8.31 -19.92
C VAL A 118 6.58 9.78 -19.43
N LEU A 119 7.77 10.08 -18.91
CA LEU A 119 8.06 11.41 -18.36
C LEU A 119 8.13 12.41 -19.50
N ALA A 120 7.64 13.62 -19.24
CA ALA A 120 7.71 14.75 -20.20
C ALA A 120 9.16 15.15 -20.54
N ASP A 121 10.01 15.21 -19.52
CA ASP A 121 11.42 15.52 -19.71
C ASP A 121 12.28 14.50 -19.00
N MET A 122 13.47 14.22 -19.54
CA MET A 122 14.41 13.36 -18.83
C MET A 122 14.79 13.92 -17.43
N LYS A 123 14.71 15.25 -17.23
CA LYS A 123 14.93 15.87 -15.89
C LYS A 123 13.96 15.35 -14.82
N ASP A 124 12.84 14.79 -15.26
CA ASP A 124 11.75 14.44 -14.33
C ASP A 124 11.97 13.09 -13.64
N LEU A 125 13.02 12.37 -14.02
CA LEU A 125 13.38 11.07 -13.36
C LEU A 125 14.27 11.41 -12.18
N ILE A 126 13.65 11.36 -11.01
CA ILE A 126 14.27 11.83 -9.80
C ILE A 126 14.36 10.76 -8.73
N SER A 127 15.24 11.00 -7.74
CA SER A 127 15.39 10.06 -6.66
C SER A 127 16.06 10.88 -5.55
N SER A 128 16.43 10.21 -4.46
CA SER A 128 17.17 10.83 -3.40
C SER A 128 18.60 11.12 -3.91
N SER A 129 19.17 10.24 -4.74
CA SER A 129 20.53 10.43 -5.27
C SER A 129 20.56 9.90 -6.71
N ALA A 130 21.69 10.11 -7.39
CA ALA A 130 21.82 9.74 -8.82
C ALA A 130 22.33 8.30 -8.97
N VAL A 131 21.51 7.36 -8.53
CA VAL A 131 21.89 5.94 -8.40
C VAL A 131 20.79 5.16 -9.14
N PRO A 132 21.11 4.50 -10.26
CA PRO A 132 20.04 3.80 -11.04
C PRO A 132 19.69 2.48 -10.40
N VAL A 133 18.50 1.91 -10.69
CA VAL A 133 18.17 0.59 -10.09
C VAL A 133 19.13 -0.50 -10.58
N GLU A 134 19.38 -0.53 -11.87
CA GLU A 134 20.35 -1.49 -12.36
C GLU A 134 21.64 -0.83 -12.80
N GLU A 135 22.76 -1.56 -12.72
CA GLU A 135 24.05 -1.05 -13.23
C GLU A 135 23.82 -0.41 -14.58
N LYS A 136 24.23 0.84 -14.71
CA LYS A 136 23.68 1.80 -15.68
C LYS A 136 22.93 1.27 -16.93
N GLY A 137 21.59 1.38 -17.04
CA GLY A 137 20.67 2.10 -16.13
C GLY A 137 20.63 3.62 -16.30
N PRO A 138 19.55 4.18 -16.84
CA PRO A 138 19.52 5.66 -16.91
C PRO A 138 19.56 6.30 -15.50
N LEU A 139 20.32 7.39 -15.35
CA LEU A 139 20.64 7.97 -14.05
C LEU A 139 19.53 8.86 -13.57
N PRO A 140 19.03 8.59 -12.36
CA PRO A 140 18.07 9.57 -11.91
C PRO A 140 18.78 10.92 -11.50
N ARG A 141 18.02 11.98 -11.29
CA ARG A 141 18.57 13.23 -10.79
C ARG A 141 18.20 13.37 -9.30
N ALA A 142 19.20 13.72 -8.48
CA ALA A 142 18.94 14.00 -7.07
C ALA A 142 18.01 15.21 -6.81
N LEU A 143 16.97 15.01 -6.03
CA LEU A 143 16.02 16.12 -5.78
C LEU A 143 16.78 17.27 -5.03
N THR A 144 16.36 18.52 -5.26
CA THR A 144 16.93 19.61 -4.50
C THR A 144 16.11 19.76 -3.23
N GLU A 145 16.66 20.48 -2.27
CA GLU A 145 15.90 20.87 -1.08
C GLU A 145 14.47 21.39 -1.45
N ASP A 146 14.35 22.37 -2.33
CA ASP A 146 13.04 22.90 -2.61
C ASP A 146 12.09 21.85 -3.24
N GLU A 147 12.62 21.01 -4.11
CA GLU A 147 11.80 19.94 -4.69
C GLU A 147 11.32 18.95 -3.67
N ILE A 148 12.12 18.69 -2.62
CA ILE A 148 11.68 17.81 -1.52
C ILE A 148 10.54 18.44 -0.77
N GLN A 149 10.69 19.74 -0.44
CA GLN A 149 9.62 20.45 0.23
C GLN A 149 8.32 20.42 -0.59
N GLN A 150 8.48 20.66 -1.89
CA GLN A 150 7.31 20.59 -2.78
C GLN A 150 6.65 19.19 -2.79
N CYS A 151 7.47 18.13 -2.83
CA CYS A 151 6.93 16.75 -2.83
C CYS A 151 6.15 16.47 -1.57
N ILE A 152 6.69 16.92 -0.43
CA ILE A 152 6.04 16.76 0.84
C ILE A 152 4.67 17.48 0.81
N ALA A 153 4.66 18.75 0.40
CA ALA A 153 3.35 19.41 0.25
C ALA A 153 2.43 18.69 -0.76
N ASP A 154 2.96 18.17 -1.86
CA ASP A 154 2.09 17.42 -2.82
C ASP A 154 1.42 16.18 -2.19
N PHE A 155 2.15 15.49 -1.32
CA PHE A 155 1.54 14.34 -0.60
C PHE A 155 0.39 14.84 0.29
N ALA A 156 0.63 15.92 1.04
CA ALA A 156 -0.44 16.49 1.88
C ALA A 156 -1.67 16.89 1.05
N GLN A 157 -1.44 17.48 -0.14
CA GLN A 157 -2.58 17.99 -0.92
C GLN A 157 -3.31 16.79 -1.52
N ALA A 158 -2.56 15.71 -1.85
CA ALA A 158 -3.25 14.51 -2.33
C ALA A 158 -4.11 13.89 -1.28
N ALA A 159 -3.61 13.95 -0.04
CA ALA A 159 -4.36 13.39 1.09
C ALA A 159 -5.63 14.19 1.30
N ARG A 160 -5.50 15.51 1.28
CA ARG A 160 -6.76 16.34 1.33
C ARG A 160 -7.75 15.98 0.20
N ASN A 161 -7.25 15.77 -1.03
CA ASN A 161 -8.13 15.41 -2.13
C ASN A 161 -8.83 14.07 -1.87
N ALA A 162 -8.05 13.11 -1.35
CA ALA A 162 -8.61 11.79 -1.02
C ALA A 162 -9.75 11.91 -0.02
N ILE A 163 -9.50 12.61 1.10
CA ILE A 163 -10.48 12.77 2.20
C ILE A 163 -11.70 13.53 1.63
N ASN A 164 -11.44 14.54 0.82
CA ASN A 164 -12.57 15.25 0.08
C ASN A 164 -13.43 14.37 -0.85
N ALA A 165 -12.82 13.33 -1.46
CA ALA A 165 -13.55 12.35 -2.27
C ALA A 165 -14.27 11.32 -1.37
N GLY A 166 -14.10 11.42 -0.05
CA GLY A 166 -14.74 10.51 0.87
C GLY A 166 -13.94 9.34 1.47
N PHE A 167 -12.69 9.20 1.01
CA PHE A 167 -11.87 8.05 1.48
C PHE A 167 -11.84 8.10 2.98
N ASP A 168 -11.83 6.92 3.61
CA ASP A 168 -11.72 6.83 5.07
C ASP A 168 -10.34 7.15 5.60
N GLY A 169 -9.37 7.21 4.67
CA GLY A 169 -7.98 7.34 5.14
C GLY A 169 -7.06 7.29 3.91
N VAL A 170 -5.78 7.53 4.12
CA VAL A 170 -4.80 7.35 3.06
C VAL A 170 -3.67 6.45 3.60
N GLU A 171 -3.06 5.65 2.73
CA GLU A 171 -1.85 4.93 3.11
C GLU A 171 -0.67 5.59 2.37
N ILE A 172 0.39 5.83 3.12
CA ILE A 172 1.55 6.47 2.50
C ILE A 172 2.45 5.33 2.04
N HIS A 173 2.77 5.30 0.76
CA HIS A 173 3.46 4.16 0.18
C HIS A 173 4.96 4.36 0.45
N GLY A 174 5.39 3.88 1.60
CA GLY A 174 6.80 3.95 1.95
C GLY A 174 7.57 2.66 1.63
N ALA A 175 7.06 1.83 0.69
CA ALA A 175 7.69 0.49 0.51
C ALA A 175 8.22 0.25 -0.93
N ASN A 176 8.71 -0.96 -1.13
CA ASN A 176 8.97 -1.57 -2.38
C ASN A 176 9.90 -0.75 -3.27
N GLY A 177 10.80 0.07 -2.66
CA GLY A 177 11.83 0.69 -3.53
C GLY A 177 11.28 1.88 -4.30
N TYR A 178 10.06 2.30 -3.96
CA TYR A 178 9.50 3.53 -4.59
C TYR A 178 10.06 4.83 -3.86
N LEU A 179 9.54 6.03 -4.17
CA LEU A 179 10.40 7.21 -3.91
C LEU A 179 10.75 7.36 -2.40
N ILE A 180 9.77 7.12 -1.50
CA ILE A 180 10.07 7.27 -0.09
C ILE A 180 11.14 6.29 0.34
N ASP A 181 10.99 5.04 -0.07
CA ASP A 181 11.95 4.00 0.28
C ASP A 181 13.34 4.30 -0.34
N GLN A 182 13.37 4.98 -1.49
CA GLN A 182 14.64 5.50 -2.08
C GLN A 182 15.34 6.52 -1.19
N PHE A 183 14.58 7.28 -0.41
CA PHE A 183 15.22 8.10 0.69
C PHE A 183 15.61 7.29 1.93
N THR A 184 14.76 6.34 2.40
CA THR A 184 15.06 5.55 3.63
C THR A 184 16.38 4.72 3.47
N GLN A 185 16.65 4.22 2.28
CA GLN A 185 17.69 3.16 2.22
C GLN A 185 18.99 3.61 1.55
N LYS A 186 20.06 3.35 2.24
CA LYS A 186 21.42 3.78 1.83
C LYS A 186 21.90 3.13 0.52
N SER A 187 21.27 2.04 0.05
CA SER A 187 21.60 1.48 -1.23
C SER A 187 21.22 2.41 -2.37
N CYS A 188 20.38 3.41 -2.10
CA CYS A 188 19.98 4.47 -3.05
C CYS A 188 20.37 5.90 -2.60
N ASN A 189 20.06 6.21 -1.35
CA ASN A 189 20.31 7.55 -0.83
C ASN A 189 21.78 7.65 -0.36
N HIS A 190 22.58 8.41 -1.09
CA HIS A 190 23.95 8.75 -0.74
C HIS A 190 24.09 10.29 -0.56
N ARG A 191 23.00 10.96 -0.17
CA ARG A 191 23.01 12.42 -0.05
C ARG A 191 23.90 12.87 1.10
N GLN A 192 24.50 14.05 0.94
CA GLN A 192 25.34 14.62 2.02
C GLN A 192 24.67 15.80 2.67
N ASP A 193 23.37 15.95 2.47
CA ASP A 193 22.64 17.02 3.17
C ASP A 193 21.78 16.39 4.25
N ARG A 194 20.87 17.14 4.86
CA ARG A 194 20.25 16.60 6.03
C ARG A 194 19.21 15.50 5.66
N TRP A 195 18.99 15.28 4.34
CA TRP A 195 18.15 14.16 3.97
C TRP A 195 18.82 12.83 3.73
N GLY A 196 20.14 12.75 3.97
CA GLY A 196 20.84 11.43 3.85
C GLY A 196 22.11 11.39 4.72
N GLY A 197 22.79 10.24 4.74
CA GLY A 197 24.08 10.26 5.40
C GLY A 197 24.09 9.81 6.81
N SER A 198 22.92 9.38 7.37
CA SER A 198 22.86 8.75 8.68
C SER A 198 21.49 8.08 8.75
N ILE A 199 21.30 7.28 9.79
CA ILE A 199 19.98 6.62 9.99
C ILE A 199 18.89 7.73 10.16
N GLU A 200 19.14 8.73 10.99
CA GLU A 200 18.08 9.74 11.20
C GLU A 200 17.82 10.58 9.99
N ASN A 201 18.90 10.99 9.30
CA ASN A 201 18.75 11.77 8.09
C ASN A 201 18.01 10.99 6.98
N ARG A 202 18.41 9.74 6.74
CA ARG A 202 17.68 8.99 5.72
C ARG A 202 16.20 8.85 6.03
N ALA A 203 15.84 8.71 7.30
CA ALA A 203 14.43 8.55 7.70
C ALA A 203 13.64 9.85 7.54
N ARG A 204 14.36 10.97 7.35
CA ARG A 204 13.66 12.25 7.49
C ARG A 204 12.56 12.43 6.44
N PHE A 205 12.85 12.05 5.18
CA PHE A 205 11.87 12.18 4.14
C PHE A 205 10.55 11.49 4.52
N ALA A 206 10.63 10.21 4.91
CA ALA A 206 9.41 9.49 5.31
C ALA A 206 8.75 10.10 6.50
N VAL A 207 9.54 10.50 7.50
CA VAL A 207 8.97 11.19 8.69
C VAL A 207 8.26 12.52 8.30
N GLU A 208 8.89 13.34 7.43
CA GLU A 208 8.25 14.62 7.08
C GLU A 208 7.02 14.51 6.12
N VAL A 209 7.05 13.49 5.25
CA VAL A 209 5.89 13.26 4.38
C VAL A 209 4.79 12.88 5.37
N THR A 210 5.09 12.06 6.39
CA THR A 210 4.05 11.55 7.27
C THR A 210 3.48 12.70 8.09
N ARG A 211 4.38 13.51 8.66
CA ARG A 211 3.91 14.66 9.38
C ARG A 211 3.03 15.60 8.59
N ALA A 212 3.35 15.85 7.29
CA ALA A 212 2.56 16.80 6.49
C ALA A 212 1.18 16.21 6.19
N VAL A 213 1.14 14.89 5.99
CA VAL A 213 -0.14 14.25 5.67
C VAL A 213 -0.96 14.25 6.96
N ILE A 214 -0.31 13.98 8.12
CA ILE A 214 -1.06 14.05 9.39
C ILE A 214 -1.66 15.46 9.62
N GLU A 215 -0.88 16.48 9.30
CA GLU A 215 -1.39 17.88 9.49
C GLU A 215 -2.62 18.05 8.58
N ALA A 216 -2.59 17.45 7.40
CA ALA A 216 -3.67 17.58 6.41
C ALA A 216 -4.96 16.86 6.85
N VAL A 217 -4.82 15.63 7.37
CA VAL A 217 -5.99 14.75 7.55
C VAL A 217 -6.14 14.14 8.93
N GLY A 218 -5.15 14.30 9.79
CA GLY A 218 -5.25 13.75 11.15
C GLY A 218 -4.62 12.35 11.16
N ALA A 219 -3.90 12.05 12.24
CA ALA A 219 -3.29 10.72 12.39
C ALA A 219 -4.23 9.52 12.32
N ASP A 220 -5.51 9.68 12.70
CA ASP A 220 -6.45 8.58 12.56
C ASP A 220 -6.96 8.32 11.13
N ARG A 221 -6.49 9.09 10.16
CA ARG A 221 -6.80 8.78 8.75
C ARG A 221 -5.53 8.52 7.97
N VAL A 222 -4.44 8.12 8.67
CA VAL A 222 -3.18 7.87 7.91
C VAL A 222 -2.62 6.51 8.30
N GLY A 223 -2.34 5.66 7.29
CA GLY A 223 -1.56 4.44 7.59
C GLY A 223 -0.27 4.57 6.84
N VAL A 224 0.74 3.73 7.23
CA VAL A 224 2.02 3.83 6.55
C VAL A 224 2.46 2.43 6.16
N LYS A 225 2.84 2.25 4.89
CA LYS A 225 3.34 0.90 4.46
C LYS A 225 4.86 0.93 4.25
N LEU A 226 5.53 -0.09 4.80
CA LEU A 226 6.94 -0.27 4.53
C LEU A 226 7.16 -1.75 4.19
N SER A 227 8.35 -2.02 3.64
CA SER A 227 8.73 -3.45 3.35
C SER A 227 10.21 -3.69 3.76
N PRO A 228 10.49 -3.71 5.07
CA PRO A 228 11.86 -3.53 5.53
C PRO A 228 12.85 -4.52 4.96
N TYR A 229 12.44 -5.78 4.76
CA TYR A 229 13.40 -6.81 4.35
C TYR A 229 13.43 -7.00 2.91
N SER A 230 12.50 -6.39 2.22
CA SER A 230 12.34 -6.66 0.75
C SER A 230 13.56 -6.27 -0.08
N GLN A 231 13.88 -7.10 -1.08
CA GLN A 231 15.06 -6.88 -1.96
C GLN A 231 14.62 -6.43 -3.35
N TYR A 232 13.34 -6.13 -3.50
CA TYR A 232 12.77 -5.64 -4.80
C TYR A 232 13.37 -4.25 -5.14
N LEU A 233 13.71 -4.01 -6.42
CA LEU A 233 14.12 -2.69 -6.86
C LEU A 233 15.30 -2.10 -6.09
N GLY A 234 16.32 -2.94 -5.79
CA GLY A 234 17.55 -2.39 -5.33
C GLY A 234 17.57 -2.08 -3.82
N MET A 235 16.52 -2.50 -3.12
CA MET A 235 16.41 -2.27 -1.67
C MET A 235 16.91 -3.51 -0.89
N GLY A 236 16.96 -3.36 0.42
CA GLY A 236 17.13 -4.51 1.31
C GLY A 236 18.55 -5.04 1.43
N THR A 237 19.52 -4.22 1.06
CA THR A 237 20.95 -4.64 1.04
C THR A 237 21.86 -3.83 1.99
N MET A 238 21.42 -2.63 2.43
CA MET A 238 22.28 -1.84 3.31
C MET A 238 22.65 -2.57 4.55
N ASP A 239 23.88 -2.33 5.00
CA ASP A 239 24.35 -3.08 6.14
C ASP A 239 23.52 -2.87 7.40
N GLU A 240 23.07 -1.65 7.64
CA GLU A 240 22.29 -1.32 8.85
C GLU A 240 20.80 -1.30 8.52
N LEU A 241 20.40 -2.25 7.74
CA LEU A 241 18.95 -2.31 7.31
C LEU A 241 18.06 -2.42 8.51
N VAL A 242 18.40 -3.30 9.46
CA VAL A 242 17.51 -3.50 10.60
C VAL A 242 17.43 -2.23 11.51
N PRO A 243 18.59 -1.68 11.91
CA PRO A 243 18.55 -0.44 12.67
C PRO A 243 17.81 0.67 11.93
N GLN A 244 18.02 0.81 10.62
CA GLN A 244 17.40 1.88 9.85
C GLN A 244 15.85 1.82 9.94
N PHE A 245 15.29 0.60 9.79
CA PHE A 245 13.84 0.45 9.94
C PHE A 245 13.36 0.38 11.36
N GLU A 246 14.19 -0.08 12.31
CA GLU A 246 13.75 0.01 13.71
C GLU A 246 13.53 1.51 14.06
N TYR A 247 14.47 2.33 13.57
CA TYR A 247 14.37 3.76 13.83
C TYR A 247 13.11 4.35 13.17
N LEU A 248 12.96 4.13 11.88
CA LEU A 248 11.79 4.69 11.17
C LEU A 248 10.47 4.24 11.77
N ILE A 249 10.40 2.99 12.25
CA ILE A 249 9.13 2.49 12.78
C ILE A 249 8.87 3.04 14.20
N ALA A 250 9.96 3.27 14.95
CA ALA A 250 9.84 4.01 16.22
C ALA A 250 9.26 5.42 15.96
N GLN A 251 9.68 6.07 14.87
CA GLN A 251 9.14 7.42 14.58
C GLN A 251 7.69 7.35 14.16
N MET A 252 7.35 6.34 13.33
CA MET A 252 5.93 6.15 12.97
C MET A 252 5.05 5.90 14.19
N ARG A 253 5.58 5.15 15.16
CA ARG A 253 4.83 4.92 16.37
C ARG A 253 4.68 6.26 17.16
N ARG A 254 5.74 7.02 17.24
CA ARG A 254 5.67 8.35 17.93
C ARG A 254 4.64 9.31 17.25
N LEU A 255 4.61 9.30 15.93
CA LEU A 255 3.60 10.10 15.19
C LEU A 255 2.15 9.57 15.35
N ASP A 256 1.99 8.41 15.94
CA ASP A 256 0.68 7.83 16.30
C ASP A 256 -0.21 7.54 15.10
N VAL A 257 0.40 7.10 13.99
CA VAL A 257 -0.41 6.79 12.77
C VAL A 257 -1.44 5.67 13.05
N ALA A 258 -2.51 5.66 12.28
CA ALA A 258 -3.59 4.74 12.53
C ALA A 258 -3.16 3.26 12.42
N TYR A 259 -2.26 2.99 11.50
CA TYR A 259 -1.72 1.63 11.38
C TYR A 259 -0.36 1.61 10.70
N LEU A 260 0.38 0.55 10.95
CA LEU A 260 1.59 0.25 10.17
C LEU A 260 1.31 -1.02 9.36
N HIS A 261 1.82 -1.02 8.14
CA HIS A 261 1.54 -2.14 7.21
C HIS A 261 2.90 -2.59 6.74
N LEU A 262 3.26 -3.85 6.98
CA LEU A 262 4.55 -4.31 6.60
C LEU A 262 4.39 -5.47 5.64
N ALA A 263 5.13 -5.49 4.52
CA ALA A 263 4.83 -6.52 3.46
C ALA A 263 6.11 -7.17 3.01
N ASN A 264 5.99 -8.49 2.80
CA ASN A 264 7.05 -9.27 2.05
C ASN A 264 6.89 -9.14 0.57
N SER A 265 8.02 -9.04 -0.13
CA SER A 265 7.95 -8.97 -1.55
C SER A 265 8.89 -10.06 -2.15
N ARG A 266 9.51 -9.74 -3.29
CA ARG A 266 10.15 -10.74 -4.11
C ARG A 266 11.54 -10.95 -3.55
N TRP A 267 11.88 -12.17 -3.10
CA TRP A 267 13.16 -12.46 -2.43
C TRP A 267 14.11 -12.95 -3.52
N LEU A 268 15.30 -12.36 -3.59
CA LEU A 268 16.20 -12.56 -4.72
C LEU A 268 16.76 -13.98 -4.88
N ASP A 269 17.13 -14.62 -3.76
CA ASP A 269 17.75 -15.98 -3.78
C ASP A 269 16.96 -16.94 -2.88
N GLU A 270 16.22 -17.88 -3.48
CA GLU A 270 15.37 -18.86 -2.73
C GLU A 270 16.14 -19.89 -1.87
N GLU A 271 17.44 -20.04 -2.10
CA GLU A 271 18.26 -20.83 -1.16
C GLU A 271 18.68 -20.12 0.11
N LYS A 272 18.47 -18.78 0.19
CA LYS A 272 18.75 -18.06 1.43
C LYS A 272 17.45 -17.98 2.21
N PRO A 273 17.39 -18.54 3.44
CA PRO A 273 16.15 -18.36 4.16
C PRO A 273 15.88 -16.85 4.54
N HIS A 274 14.61 -16.51 4.54
CA HIS A 274 14.21 -15.17 4.96
C HIS A 274 14.45 -15.08 6.47
N PRO A 275 14.97 -13.96 6.96
CA PRO A 275 15.19 -13.84 8.38
C PRO A 275 13.99 -13.81 9.33
N ASP A 276 12.80 -13.44 8.86
CA ASP A 276 11.76 -13.09 9.81
C ASP A 276 10.48 -12.81 9.04
N PRO A 277 9.81 -13.89 8.59
CA PRO A 277 8.73 -13.90 7.64
C PRO A 277 7.54 -13.04 8.10
N ASN A 278 7.34 -12.98 9.40
CA ASN A 278 6.16 -12.27 9.95
C ASN A 278 6.60 -10.94 10.61
N HIS A 279 7.83 -10.54 10.30
CA HIS A 279 8.32 -9.20 10.74
C HIS A 279 8.37 -8.99 12.25
N GLU A 280 8.59 -10.07 13.00
CA GLU A 280 8.58 -9.97 14.48
C GLU A 280 9.50 -8.86 15.00
N VAL A 281 10.67 -8.70 14.37
CA VAL A 281 11.68 -7.75 14.86
C VAL A 281 11.10 -6.31 14.78
N PHE A 282 10.29 -6.05 13.78
CA PHE A 282 9.68 -4.69 13.61
C PHE A 282 8.38 -4.50 14.35
N VAL A 283 7.54 -5.54 14.38
CA VAL A 283 6.31 -5.51 15.19
C VAL A 283 6.70 -5.19 16.65
N ARG A 284 7.78 -5.77 17.16
CA ARG A 284 8.22 -5.46 18.52
C ARG A 284 8.40 -3.95 18.77
N VAL A 285 9.03 -3.24 17.83
CA VAL A 285 9.23 -1.77 17.98
C VAL A 285 7.94 -1.00 17.87
N TRP A 286 7.10 -1.39 16.88
CA TRP A 286 5.73 -0.79 16.72
C TRP A 286 4.88 -0.95 18.00
N GLY A 287 4.95 -2.12 18.66
CA GLY A 287 4.22 -2.34 19.90
C GLY A 287 2.86 -3.01 19.74
N GLN A 288 2.21 -3.26 20.87
CA GLN A 288 0.99 -4.02 20.93
C GLN A 288 -0.28 -3.19 20.69
N SER A 289 -0.24 -1.89 20.99
CA SER A 289 -1.51 -1.09 21.11
C SER A 289 -2.19 -0.71 19.81
N SER A 290 -1.40 -0.37 18.78
CA SER A 290 -1.98 0.13 17.52
C SER A 290 -2.01 -0.98 16.46
N PRO A 291 -3.00 -0.93 15.57
CA PRO A 291 -3.10 -2.01 14.57
C PRO A 291 -1.85 -2.16 13.70
N ILE A 292 -1.53 -3.42 13.39
CA ILE A 292 -0.44 -3.75 12.46
C ILE A 292 -1.06 -4.61 11.35
N LEU A 293 -0.79 -4.25 10.09
CA LEU A 293 -1.21 -5.07 8.96
C LEU A 293 0.03 -5.82 8.49
N LEU A 294 -0.08 -7.15 8.32
CA LEU A 294 1.08 -7.92 7.72
C LEU A 294 0.62 -8.44 6.34
N ALA A 295 1.52 -8.42 5.33
CA ALA A 295 1.10 -8.90 3.98
C ALA A 295 2.20 -9.64 3.35
N GLY A 296 1.88 -10.54 2.38
CA GLY A 296 2.95 -11.16 1.55
C GLY A 296 3.04 -12.64 1.89
N GLY A 297 2.43 -13.43 1.02
CA GLY A 297 2.53 -14.88 1.10
C GLY A 297 1.49 -15.50 2.03
N TYR A 298 0.54 -14.71 2.59
CA TYR A 298 -0.43 -15.40 3.48
C TYR A 298 -1.56 -16.09 2.72
N ASP A 299 -2.04 -17.18 3.33
CA ASP A 299 -3.30 -17.78 2.89
C ASP A 299 -4.30 -17.92 4.03
N ALA A 300 -5.42 -18.60 3.79
CA ALA A 300 -6.47 -18.60 4.86
C ALA A 300 -5.87 -19.23 6.16
N ALA A 301 -5.15 -20.34 6.00
CA ALA A 301 -4.64 -21.05 7.18
C ALA A 301 -3.51 -20.25 7.84
N SER A 302 -2.57 -19.72 7.07
CA SER A 302 -1.45 -19.01 7.73
C SER A 302 -1.89 -17.63 8.26
N ALA A 303 -2.89 -16.98 7.66
CA ALA A 303 -3.44 -15.69 8.22
C ALA A 303 -4.05 -15.99 9.56
N GLU A 304 -4.79 -17.10 9.63
CA GLU A 304 -5.39 -17.50 10.88
C GLU A 304 -4.31 -17.83 11.92
N LYS A 305 -3.33 -18.62 11.53
CA LYS A 305 -2.35 -19.06 12.50
C LYS A 305 -1.55 -17.83 13.03
N VAL A 306 -1.13 -16.93 12.14
CA VAL A 306 -0.22 -15.90 12.61
C VAL A 306 -0.99 -14.96 13.50
N THR A 307 -2.22 -14.62 13.14
CA THR A 307 -2.99 -13.74 14.04
C THR A 307 -3.27 -14.38 15.41
N GLU A 308 -3.62 -15.65 15.40
CA GLU A 308 -3.88 -16.36 16.68
C GLU A 308 -2.60 -16.39 17.57
N GLN A 309 -1.50 -16.78 16.99
CA GLN A 309 -0.28 -16.92 17.76
C GLN A 309 0.27 -15.55 18.22
N MET A 310 0.26 -14.54 17.34
CA MET A 310 0.60 -13.20 17.81
C MET A 310 -0.28 -12.77 18.98
N ALA A 311 -1.58 -13.08 18.94
CA ALA A 311 -2.50 -12.67 20.05
C ALA A 311 -2.08 -13.35 21.32
N ALA A 312 -1.68 -14.62 21.18
CA ALA A 312 -1.24 -15.36 22.41
C ALA A 312 0.06 -14.76 22.99
N ALA A 313 0.82 -14.09 22.13
CA ALA A 313 2.07 -13.41 22.49
C ALA A 313 1.88 -11.95 22.87
N THR A 314 0.62 -11.56 23.07
CA THR A 314 0.12 -10.21 23.46
C THR A 314 -0.09 -9.19 22.34
N TYR A 315 0.20 -9.61 21.11
CA TYR A 315 0.04 -8.68 19.97
C TYR A 315 -1.33 -9.00 19.40
N THR A 316 -2.36 -8.42 20.02
CA THR A 316 -3.74 -8.78 19.69
C THR A 316 -4.37 -7.96 18.60
N ASN A 317 -3.63 -6.99 18.01
CA ASN A 317 -4.24 -6.04 17.07
C ASN A 317 -3.65 -6.15 15.66
N VAL A 318 -3.79 -7.34 15.09
CA VAL A 318 -3.08 -7.72 13.88
C VAL A 318 -4.12 -7.98 12.79
N ALA A 319 -3.96 -7.36 11.62
CA ALA A 319 -4.79 -7.71 10.48
C ALA A 319 -3.84 -8.27 9.41
N ILE A 320 -4.44 -9.00 8.47
CA ILE A 320 -3.64 -9.51 7.35
C ILE A 320 -4.20 -9.03 6.05
N ALA A 321 -3.35 -8.53 5.15
CA ALA A 321 -3.78 -7.98 3.90
C ALA A 321 -3.37 -9.01 2.81
N PHE A 322 -4.21 -9.17 1.80
CA PHE A 322 -3.97 -10.10 0.70
C PHE A 322 -4.00 -9.32 -0.58
N GLY A 323 -3.01 -9.58 -1.40
CA GLY A 323 -2.98 -9.01 -2.72
C GLY A 323 -3.52 -10.02 -3.71
N ARG A 324 -2.72 -11.01 -4.03
CA ARG A 324 -3.14 -11.93 -5.13
C ARG A 324 -4.48 -12.65 -4.84
N TYR A 325 -4.69 -13.11 -3.60
CA TYR A 325 -5.99 -13.81 -3.39
C TYR A 325 -7.19 -12.90 -3.44
N PHE A 326 -7.05 -11.62 -3.09
CA PHE A 326 -8.14 -10.66 -3.32
C PHE A 326 -8.36 -10.31 -4.77
N ILE A 327 -7.34 -10.46 -5.60
CA ILE A 327 -7.55 -10.40 -7.05
C ILE A 327 -8.46 -11.54 -7.52
N SER A 328 -8.11 -12.80 -7.18
CA SER A 328 -8.82 -14.02 -7.63
C SER A 328 -10.13 -14.32 -6.88
N THR A 329 -10.26 -13.78 -5.66
CA THR A 329 -11.31 -14.19 -4.75
C THR A 329 -12.07 -12.92 -4.23
N PRO A 330 -13.07 -12.42 -5.00
CA PRO A 330 -13.70 -11.14 -4.57
C PRO A 330 -14.41 -11.25 -3.21
N ASP A 331 -14.84 -12.45 -2.81
CA ASP A 331 -15.53 -12.68 -1.53
C ASP A 331 -14.61 -13.33 -0.55
N LEU A 332 -13.31 -12.99 -0.63
CA LEU A 332 -12.34 -13.60 0.27
C LEU A 332 -12.70 -13.68 1.76
N PRO A 333 -13.19 -12.59 2.37
CA PRO A 333 -13.40 -12.74 3.81
C PRO A 333 -14.59 -13.68 4.12
N PHE A 334 -15.60 -13.64 3.24
CA PHE A 334 -16.75 -14.60 3.33
C PHE A 334 -16.25 -16.03 3.26
N ARG A 335 -15.38 -16.32 2.28
CA ARG A 335 -14.85 -17.66 2.11
C ARG A 335 -14.05 -18.13 3.29
N VAL A 336 -13.14 -17.27 3.76
CA VAL A 336 -12.26 -17.70 4.85
C VAL A 336 -13.14 -18.00 6.10
N MET A 337 -14.13 -17.15 6.34
CA MET A 337 -15.00 -17.32 7.56
C MET A 337 -15.87 -18.57 7.44
N ALA A 338 -16.18 -18.97 6.23
CA ALA A 338 -17.05 -20.15 6.06
C ALA A 338 -16.29 -21.44 5.74
N GLY A 339 -14.96 -21.40 5.70
CA GLY A 339 -14.11 -22.58 5.40
C GLY A 339 -14.18 -22.96 3.96
N ILE A 340 -14.45 -22.00 3.09
CA ILE A 340 -14.51 -22.26 1.66
C ILE A 340 -13.13 -21.96 1.04
N GLN A 341 -12.67 -22.84 0.16
CA GLN A 341 -11.33 -22.66 -0.45
C GLN A 341 -11.24 -21.37 -1.26
N LEU A 342 -10.14 -20.65 -1.06
CA LEU A 342 -9.88 -19.45 -1.87
C LEU A 342 -9.60 -19.88 -3.29
N GLN A 343 -9.81 -18.94 -4.19
CA GLN A 343 -9.61 -19.26 -5.61
C GLN A 343 -8.11 -19.22 -5.95
N LYS A 344 -7.57 -20.33 -6.50
CA LYS A 344 -6.18 -20.36 -7.00
C LYS A 344 -5.98 -19.12 -7.86
N TYR A 345 -4.91 -18.35 -7.65
CA TYR A 345 -4.73 -17.17 -8.51
C TYR A 345 -3.92 -17.56 -9.73
N ASP A 346 -3.85 -16.67 -10.73
CA ASP A 346 -3.05 -16.96 -11.96
C ASP A 346 -2.32 -15.77 -12.47
N ARG A 347 -1.12 -16.02 -12.99
CA ARG A 347 -0.22 -14.97 -13.44
C ARG A 347 -0.77 -14.21 -14.62
N ALA A 348 -1.60 -14.86 -15.45
CA ALA A 348 -2.24 -14.14 -16.57
C ALA A 348 -2.99 -12.90 -16.16
N SER A 349 -3.74 -13.02 -15.05
CA SER A 349 -4.53 -11.87 -14.56
C SER A 349 -3.61 -10.84 -13.93
N PHE A 350 -2.51 -11.28 -13.24
CA PHE A 350 -1.63 -10.27 -12.57
C PHE A 350 -1.01 -9.43 -13.62
N TYR A 351 -0.70 -10.05 -14.78
CA TYR A 351 0.03 -9.34 -15.81
C TYR A 351 -0.91 -8.81 -16.87
N SER A 352 -2.24 -8.86 -16.68
CA SER A 352 -3.14 -8.15 -17.62
C SER A 352 -3.14 -6.66 -17.39
N THR A 353 -3.52 -5.87 -18.41
CA THR A 353 -3.80 -4.45 -18.27
C THR A 353 -5.12 -4.07 -18.95
N LEU A 354 -5.75 -3.01 -18.45
CA LEU A 354 -6.86 -2.28 -19.11
C LEU A 354 -8.24 -2.93 -19.24
N SER A 355 -8.25 -4.21 -19.59
CA SER A 355 -9.54 -4.89 -19.90
C SER A 355 -10.36 -5.32 -18.70
N ARG A 356 -11.66 -5.51 -18.97
CA ARG A 356 -12.52 -6.16 -17.99
C ARG A 356 -12.10 -7.58 -17.80
N GLU A 357 -11.66 -8.24 -18.88
CA GLU A 357 -11.08 -9.61 -18.76
C GLU A 357 -9.83 -9.68 -17.86
N GLY A 358 -9.83 -10.64 -16.93
CA GLY A 358 -8.70 -10.79 -15.94
C GLY A 358 -8.87 -9.80 -14.77
N TYR A 359 -10.00 -9.08 -14.72
CA TYR A 359 -10.22 -8.00 -13.69
C TYR A 359 -11.59 -8.13 -13.02
N LEU A 360 -12.67 -8.05 -13.79
CA LEU A 360 -14.05 -8.09 -13.27
C LEU A 360 -14.61 -9.48 -13.22
N ASP A 361 -13.90 -10.44 -13.79
CA ASP A 361 -14.54 -11.74 -14.12
C ASP A 361 -14.06 -12.94 -13.26
N TYR A 362 -13.56 -12.66 -12.05
CA TYR A 362 -13.40 -13.75 -11.08
C TYR A 362 -14.73 -14.00 -10.34
N PRO A 363 -15.22 -15.25 -10.30
CA PRO A 363 -16.57 -15.39 -9.74
C PRO A 363 -16.54 -15.38 -8.20
N PHE A 364 -17.69 -15.08 -7.60
CA PHE A 364 -17.92 -15.34 -6.21
C PHE A 364 -18.02 -16.86 -6.00
N SER A 365 -17.83 -17.31 -4.77
CA SER A 365 -18.18 -18.65 -4.40
C SER A 365 -19.65 -18.96 -4.71
N ALA A 366 -19.89 -20.24 -5.00
CA ALA A 366 -21.27 -20.71 -5.26
C ALA A 366 -22.04 -20.51 -3.98
N GLU A 367 -21.39 -20.70 -2.85
CA GLU A 367 -22.01 -20.49 -1.55
C GLU A 367 -22.51 -19.09 -1.37
N TYR A 368 -21.65 -18.09 -1.68
CA TYR A 368 -22.03 -16.68 -1.53
C TYR A 368 -23.21 -16.41 -2.48
N MET A 369 -23.15 -17.00 -3.68
CA MET A 369 -24.24 -16.82 -4.69
C MET A 369 -25.52 -17.33 -4.17
N ALA A 370 -25.47 -18.50 -3.52
CA ALA A 370 -26.68 -19.06 -2.82
C ALA A 370 -27.41 -18.05 -1.92
N LEU A 371 -26.68 -17.11 -1.29
CA LEU A 371 -27.29 -16.15 -0.33
C LEU A 371 -27.76 -14.91 -1.03
N HIS A 372 -27.41 -14.82 -2.32
CA HIS A 372 -27.67 -13.65 -3.13
C HIS A 372 -28.95 -13.80 -3.97
N ASN A 373 -29.78 -14.81 -3.64
CA ASN A 373 -30.88 -15.27 -4.50
C ASN A 373 -32.14 -14.46 -4.19
N PHE A 374 -32.11 -13.16 -4.53
CA PHE A 374 -33.24 -12.29 -4.27
C PHE A 374 -33.27 -11.05 -5.18
N PRO A 375 -34.46 -10.39 -5.36
CA PRO A 375 -34.49 -9.14 -6.16
C PRO A 375 -33.87 -8.00 -5.39
N VAL A 376 -33.16 -7.06 -6.03
CA VAL A 376 -32.39 -6.07 -5.19
C VAL A 376 -33.39 -5.16 -4.46
#